data_8B1L
#
_entry.id   8B1L
#
_entity_poly.entity_id   1
_entity_poly.type   'polypeptide(L)'
_entity_poly.pdbx_seq_one_letter_code
;FLGMLLHGVGHAIHGLIHGKQNVE
;
_entity_poly.pdbx_strand_id   A
#
# COMPACT_ATOMS: atom_id res chain seq x y z
N PHE A 1 1.31 8.11 -16.59
CA PHE A 1 0.62 7.50 -15.42
C PHE A 1 1.62 6.73 -14.53
N LEU A 2 2.90 6.94 -14.73
CA LEU A 2 3.91 6.22 -13.88
C LEU A 2 3.75 6.63 -12.41
N GLY A 3 3.56 7.90 -12.16
CA GLY A 3 3.41 8.37 -10.74
C GLY A 3 2.10 7.85 -10.15
N MET A 4 1.03 7.90 -10.92
CA MET A 4 -0.28 7.41 -10.40
C MET A 4 -0.21 5.92 -10.09
N LEU A 5 0.42 5.15 -10.95
CA LEU A 5 0.54 3.68 -10.71
C LEU A 5 1.37 3.44 -9.45
N LEU A 6 2.40 4.22 -9.26
CA LEU A 6 3.29 4.06 -8.07
C LEU A 6 2.50 4.30 -6.78
N HIS A 7 1.63 5.28 -6.78
CA HIS A 7 0.84 5.58 -5.54
C HIS A 7 -0.07 4.40 -5.18
N GLY A 8 -0.73 3.82 -6.16
CA GLY A 8 -1.64 2.67 -5.90
C GLY A 8 -0.86 1.46 -5.41
N VAL A 9 0.22 1.11 -6.07
CA VAL A 9 1.02 -0.08 -5.65
C VAL A 9 1.65 0.16 -4.28
N GLY A 10 2.08 1.37 -4.02
CA GLY A 10 2.72 1.66 -2.70
C GLY A 10 1.71 1.44 -1.57
N HIS A 11 0.47 1.82 -1.79
CA HIS A 11 -0.57 1.63 -0.73
C HIS A 11 -0.83 0.14 -0.50
N ALA A 12 -0.92 -0.64 -1.55
CA ALA A 12 -1.18 -2.10 -1.39
C ALA A 12 -0.07 -2.76 -0.57
N ILE A 13 1.16 -2.50 -0.92
CA ILE A 13 2.30 -3.12 -0.16
C ILE A 13 2.31 -2.59 1.28
N HIS A 14 2.14 -1.30 1.46
CA HIS A 14 2.15 -0.72 2.83
C HIS A 14 0.92 -1.18 3.63
N GLY A 15 -0.24 -1.14 3.03
CA GLY A 15 -1.47 -1.55 3.77
C GLY A 15 -1.45 -3.05 4.08
N LEU A 16 -1.13 -3.87 3.10
CA LEU A 16 -1.13 -5.35 3.34
C LEU A 16 -0.05 -5.74 4.36
N ILE A 17 1.13 -5.19 4.25
CA ILE A 17 2.21 -5.53 5.23
C ILE A 17 1.84 -5.02 6.63
N HIS A 18 1.34 -3.81 6.69
CA HIS A 18 0.96 -3.23 8.02
C HIS A 18 -0.46 -3.66 8.42
N GLY A 19 -1.18 -4.34 7.56
CA GLY A 19 -2.57 -4.77 7.92
C GLY A 19 -2.53 -5.68 9.15
N LYS A 20 -1.57 -6.57 9.21
CA LYS A 20 -1.47 -7.49 10.39
C LYS A 20 -0.32 -7.03 11.30
N GLN A 21 -0.46 -7.25 12.58
CA GLN A 21 0.62 -6.84 13.53
C GLN A 21 1.86 -7.71 13.32
N ASN A 22 3.02 -7.12 13.34
CA ASN A 22 4.27 -7.92 13.14
C ASN A 22 4.58 -8.71 14.41
N VAL A 23 4.53 -10.01 14.33
CA VAL A 23 4.82 -10.86 15.53
C VAL A 23 6.03 -11.76 15.25
N GLU A 24 6.95 -11.80 16.18
CA GLU A 24 8.18 -12.65 16.00
C GLU A 24 8.89 -12.31 14.68
N PHE A 1 -0.75 7.22 -16.06
CA PHE A 1 0.06 8.06 -15.14
C PHE A 1 1.10 7.22 -14.40
N LEU A 2 2.35 7.40 -14.72
CA LEU A 2 3.42 6.62 -14.05
C LEU A 2 3.44 6.92 -12.54
N GLY A 3 3.29 8.16 -12.17
CA GLY A 3 3.30 8.53 -10.72
C GLY A 3 2.12 7.89 -10.01
N MET A 4 0.96 7.90 -10.62
CA MET A 4 -0.24 7.29 -9.99
C MET A 4 -0.06 5.78 -9.85
N LEU A 5 0.59 5.17 -10.80
CA LEU A 5 0.82 3.69 -10.74
C LEU A 5 1.65 3.33 -9.50
N LEU A 6 2.68 4.10 -9.22
CA LEU A 6 3.53 3.80 -8.02
C LEU A 6 2.68 3.94 -6.75
N HIS A 7 1.84 4.94 -6.70
CA HIS A 7 1.00 5.17 -5.48
C HIS A 7 0.11 3.95 -5.20
N GLY A 8 -0.52 3.42 -6.21
CA GLY A 8 -1.40 2.23 -6.01
C GLY A 8 -0.56 1.03 -5.57
N VAL A 9 0.60 0.86 -6.16
CA VAL A 9 1.48 -0.29 -5.78
C VAL A 9 1.96 -0.12 -4.33
N GLY A 10 2.37 1.07 -3.97
CA GLY A 10 2.86 1.32 -2.58
C GLY A 10 1.72 1.13 -1.57
N HIS A 11 0.52 1.51 -1.93
CA HIS A 11 -0.62 1.36 -0.98
C HIS A 11 -0.85 -0.11 -0.64
N ALA A 12 -0.87 -0.96 -1.64
CA ALA A 12 -1.09 -2.42 -1.38
C ALA A 12 0.09 -3.02 -0.62
N ILE A 13 1.30 -2.66 -1.00
CA ILE A 13 2.50 -3.20 -0.29
C ILE A 13 2.56 -2.71 1.16
N HIS A 14 2.31 -1.44 1.38
CA HIS A 14 2.35 -0.90 2.76
C HIS A 14 1.07 -1.23 3.54
N GLY A 15 -0.07 -1.10 2.91
CA GLY A 15 -1.36 -1.38 3.61
C GLY A 15 -1.47 -2.85 4.01
N LEU A 16 -1.21 -3.76 3.10
CA LEU A 16 -1.32 -5.21 3.44
C LEU A 16 -0.30 -5.58 4.53
N ILE A 17 0.92 -5.13 4.39
CA ILE A 17 1.95 -5.43 5.42
C ILE A 17 1.58 -4.77 6.74
N HIS A 18 1.14 -3.54 6.70
CA HIS A 18 0.74 -2.83 7.96
C HIS A 18 -0.76 -2.95 8.19
N GLY A 19 -1.40 -3.95 7.61
CA GLY A 19 -2.88 -4.11 7.78
C GLY A 19 -3.20 -4.31 9.26
N LYS A 20 -2.39 -5.03 9.97
CA LYS A 20 -2.65 -5.28 11.43
C LYS A 20 -2.61 -3.96 12.23
N GLN A 21 -1.64 -3.12 11.95
CA GLN A 21 -1.56 -1.81 12.69
C GLN A 21 -2.78 -0.95 12.35
N ASN A 22 -3.23 -0.99 11.13
CA ASN A 22 -4.41 -0.18 10.72
C ASN A 22 -5.65 -0.62 11.53
N VAL A 23 -5.79 -1.90 11.74
CA VAL A 23 -6.98 -2.41 12.50
C VAL A 23 -6.97 -1.85 13.93
N GLU A 24 -5.86 -1.90 14.61
CA GLU A 24 -5.79 -1.37 16.01
C GLU A 24 -4.36 -0.96 16.36
N PHE A 1 -3.28 7.37 -14.07
CA PHE A 1 -2.03 8.13 -14.36
C PHE A 1 -0.81 7.26 -14.07
N LEU A 2 0.27 7.47 -14.79
CA LEU A 2 1.50 6.66 -14.55
C LEU A 2 2.02 6.92 -13.14
N GLY A 3 2.02 8.17 -12.72
CA GLY A 3 2.50 8.50 -11.34
C GLY A 3 1.53 7.92 -10.32
N MET A 4 0.26 8.00 -10.59
CA MET A 4 -0.75 7.45 -9.63
C MET A 4 -0.58 5.94 -9.51
N LEU A 5 -0.28 5.27 -10.60
CA LEU A 5 -0.08 3.79 -10.55
C LEU A 5 1.10 3.47 -9.63
N LEU A 6 2.15 4.24 -9.72
CA LEU A 6 3.34 4.01 -8.83
C LEU A 6 2.94 4.18 -7.37
N HIS A 7 2.14 5.18 -7.09
CA HIS A 7 1.70 5.42 -5.68
C HIS A 7 0.81 4.28 -5.20
N GLY A 8 -0.01 3.75 -6.07
CA GLY A 8 -0.92 2.64 -5.68
C GLY A 8 -0.11 1.42 -5.24
N VAL A 9 1.01 1.19 -5.86
CA VAL A 9 1.86 0.01 -5.47
C VAL A 9 2.31 0.15 -4.01
N GLY A 10 2.77 1.32 -3.63
CA GLY A 10 3.22 1.53 -2.22
C GLY A 10 2.03 1.34 -1.27
N HIS A 11 0.88 1.79 -1.67
CA HIS A 11 -0.33 1.64 -0.79
C HIS A 11 -0.68 0.16 -0.61
N ALA A 12 -0.70 -0.59 -1.68
CA ALA A 12 -1.04 -2.05 -1.58
C ALA A 12 -0.04 -2.77 -0.68
N ILE A 13 1.23 -2.58 -0.92
CA ILE A 13 2.27 -3.26 -0.08
C ILE A 13 2.21 -2.72 1.35
N HIS A 14 2.08 -1.42 1.49
CA HIS A 14 2.02 -0.81 2.84
C HIS A 14 0.74 -1.23 3.57
N GLY A 15 -0.38 -1.11 2.91
CA GLY A 15 -1.67 -1.49 3.55
C GLY A 15 -1.70 -2.99 3.87
N LEU A 16 -1.26 -3.80 2.94
CA LEU A 16 -1.26 -5.28 3.18
C LEU A 16 -0.30 -5.67 4.31
N ILE A 17 0.90 -5.13 4.31
CA ILE A 17 1.88 -5.49 5.37
C ILE A 17 1.39 -4.99 6.74
N HIS A 18 0.92 -3.78 6.80
CA HIS A 18 0.42 -3.23 8.10
C HIS A 18 -0.97 -3.79 8.41
N GLY A 19 -1.74 -4.06 7.39
CA GLY A 19 -3.11 -4.61 7.62
C GLY A 19 -3.97 -3.55 8.29
N LYS A 20 -3.84 -2.32 7.88
CA LYS A 20 -4.64 -1.22 8.49
C LYS A 20 -6.12 -1.38 8.16
N GLN A 21 -6.98 -1.10 9.10
CA GLN A 21 -8.44 -1.22 8.84
C GLN A 21 -8.99 0.12 8.34
N ASN A 22 -10.25 0.17 7.98
CA ASN A 22 -10.83 1.46 7.49
C ASN A 22 -11.27 2.33 8.66
N VAL A 23 -10.64 3.46 8.85
CA VAL A 23 -11.00 4.36 9.98
C VAL A 23 -11.48 5.71 9.43
N GLU A 24 -12.61 6.19 9.90
CA GLU A 24 -13.14 7.49 9.42
C GLU A 24 -12.84 8.60 10.44
N PHE A 1 1.34 7.92 -16.19
CA PHE A 1 0.64 6.78 -15.55
C PHE A 1 1.55 6.12 -14.50
N LEU A 2 2.85 6.18 -14.70
CA LEU A 2 3.78 5.56 -13.72
C LEU A 2 3.66 6.23 -12.35
N GLY A 3 3.54 7.55 -12.34
CA GLY A 3 3.42 8.28 -11.03
C GLY A 3 2.16 7.82 -10.30
N MET A 4 1.04 7.81 -10.98
CA MET A 4 -0.23 7.36 -10.33
C MET A 4 -0.12 5.88 -9.95
N LEU A 5 0.50 5.11 -10.80
CA LEU A 5 0.67 3.64 -10.52
C LEU A 5 1.47 3.44 -9.23
N LEU A 6 2.54 4.17 -9.06
CA LEU A 6 3.37 4.02 -7.81
C LEU A 6 2.54 4.40 -6.58
N HIS A 7 1.75 5.44 -6.67
CA HIS A 7 0.92 5.86 -5.50
C HIS A 7 0.00 4.71 -5.06
N GLY A 8 -0.64 4.07 -5.99
CA GLY A 8 -1.54 2.93 -5.65
C GLY A 8 -0.69 1.79 -5.07
N VAL A 9 0.51 1.63 -5.56
CA VAL A 9 1.39 0.53 -5.04
C VAL A 9 1.74 0.78 -3.58
N GLY A 10 2.03 2.01 -3.22
CA GLY A 10 2.38 2.32 -1.79
C GLY A 10 1.24 1.89 -0.87
N HIS A 11 0.02 2.15 -1.26
CA HIS A 11 -1.14 1.74 -0.42
C HIS A 11 -1.24 0.21 -0.37
N ALA A 12 -1.12 -0.43 -1.51
CA ALA A 12 -1.21 -1.93 -1.54
C ALA A 12 -0.05 -2.56 -0.77
N ILE A 13 1.16 -2.14 -1.05
CA ILE A 13 2.34 -2.74 -0.33
C ILE A 13 2.29 -2.37 1.15
N HIS A 14 2.04 -1.12 1.46
CA HIS A 14 1.99 -0.68 2.88
C HIS A 14 0.77 -1.26 3.59
N GLY A 15 -0.38 -1.20 2.96
CA GLY A 15 -1.62 -1.74 3.59
C GLY A 15 -1.48 -3.24 3.85
N LEU A 16 -1.04 -3.99 2.87
CA LEU A 16 -0.90 -5.46 3.05
C LEU A 16 0.18 -5.80 4.10
N ILE A 17 1.32 -5.14 4.03
CA ILE A 17 2.43 -5.43 5.00
C ILE A 17 2.02 -5.02 6.43
N HIS A 18 1.45 -3.85 6.59
CA HIS A 18 1.05 -3.39 7.96
C HIS A 18 -0.32 -3.96 8.34
N GLY A 19 -1.18 -4.17 7.39
CA GLY A 19 -2.53 -4.74 7.68
C GLY A 19 -3.55 -3.62 7.83
N LYS A 20 -3.17 -2.54 8.46
CA LYS A 20 -4.12 -1.39 8.65
C LYS A 20 -3.84 -0.30 7.62
N GLN A 21 -4.84 0.48 7.28
CA GLN A 21 -4.64 1.58 6.28
C GLN A 21 -3.65 2.60 6.82
N ASN A 22 -3.07 3.39 5.96
CA ASN A 22 -2.07 4.42 6.41
C ASN A 22 -2.81 5.67 6.93
N VAL A 23 -2.64 5.98 8.18
CA VAL A 23 -3.32 7.18 8.77
C VAL A 23 -2.28 8.21 9.22
N GLU A 24 -2.45 9.44 8.84
CA GLU A 24 -1.47 10.50 9.23
C GLU A 24 -1.63 10.84 10.72
N PHE A 1 -0.49 10.19 -15.01
CA PHE A 1 -1.13 8.94 -14.50
C PHE A 1 -0.07 7.93 -14.06
N LEU A 2 1.14 8.05 -14.55
CA LEU A 2 2.22 7.10 -14.15
C LEU A 2 2.48 7.22 -12.65
N GLY A 3 2.51 8.44 -12.15
CA GLY A 3 2.74 8.63 -10.69
C GLY A 3 1.57 8.02 -9.90
N MET A 4 0.38 8.11 -10.43
CA MET A 4 -0.80 7.52 -9.73
C MET A 4 -0.66 6.01 -9.64
N LEU A 5 -0.17 5.39 -10.68
CA LEU A 5 0.02 3.91 -10.67
C LEU A 5 1.04 3.52 -9.61
N LEU A 6 2.10 4.28 -9.51
CA LEU A 6 3.17 3.97 -8.50
C LEU A 6 2.59 4.06 -7.08
N HIS A 7 1.77 5.04 -6.83
CA HIS A 7 1.18 5.20 -5.46
C HIS A 7 0.40 3.94 -5.07
N GLY A 8 -0.33 3.37 -6.00
CA GLY A 8 -1.11 2.13 -5.70
C GLY A 8 -0.16 1.00 -5.33
N VAL A 9 0.99 0.94 -5.95
CA VAL A 9 1.96 -0.14 -5.64
C VAL A 9 2.43 -0.01 -4.19
N GLY A 10 2.81 1.17 -3.78
CA GLY A 10 3.27 1.38 -2.39
C GLY A 10 2.09 1.23 -1.43
N HIS A 11 0.94 1.70 -1.83
CA HIS A 11 -0.28 1.61 -0.95
C HIS A 11 -0.64 0.15 -0.70
N ALA A 12 -0.64 -0.67 -1.73
CA ALA A 12 -1.00 -2.12 -1.54
C ALA A 12 0.03 -2.84 -0.67
N ILE A 13 1.30 -2.70 -0.99
CA ILE A 13 2.35 -3.40 -0.18
C ILE A 13 2.37 -2.84 1.25
N HIS A 14 2.38 -1.54 1.40
CA HIS A 14 2.39 -0.94 2.77
C HIS A 14 1.04 -1.15 3.45
N GLY A 15 -0.04 -0.94 2.75
CA GLY A 15 -1.39 -1.12 3.35
C GLY A 15 -1.62 -2.57 3.73
N LEU A 16 -1.30 -3.50 2.85
CA LEU A 16 -1.53 -4.95 3.17
C LEU A 16 -0.63 -5.42 4.32
N ILE A 17 0.64 -5.07 4.28
CA ILE A 17 1.58 -5.50 5.37
C ILE A 17 1.22 -4.83 6.71
N HIS A 18 0.96 -3.55 6.69
CA HIS A 18 0.61 -2.84 7.96
C HIS A 18 -0.87 -3.04 8.31
N GLY A 19 -1.69 -3.22 7.32
CA GLY A 19 -3.16 -3.44 7.58
C GLY A 19 -3.82 -2.11 7.95
N LYS A 20 -3.35 -1.02 7.40
CA LYS A 20 -3.96 0.31 7.71
C LYS A 20 -4.54 0.94 6.45
N GLN A 21 -5.79 1.35 6.50
CA GLN A 21 -6.43 1.97 5.31
C GLN A 21 -6.28 3.49 5.38
N ASN A 22 -5.81 4.11 4.33
CA ASN A 22 -5.63 5.59 4.34
C ASN A 22 -6.99 6.30 4.30
N VAL A 23 -7.15 7.32 5.10
CA VAL A 23 -8.45 8.06 5.11
C VAL A 23 -8.69 8.73 3.75
N GLU A 24 -7.63 9.09 3.06
CA GLU A 24 -7.77 9.74 1.72
C GLU A 24 -8.67 10.99 1.82
N PHE A 1 0.31 9.99 -14.60
CA PHE A 1 -0.12 8.56 -14.66
C PHE A 1 0.96 7.65 -14.07
N LEU A 2 2.21 7.92 -14.39
CA LEU A 2 3.31 7.07 -13.85
C LEU A 2 3.35 7.18 -12.33
N GLY A 3 3.19 8.37 -11.79
CA GLY A 3 3.20 8.55 -10.31
C GLY A 3 1.98 7.88 -9.69
N MET A 4 0.83 8.00 -10.32
CA MET A 4 -0.40 7.37 -9.76
C MET A 4 -0.26 5.85 -9.73
N LEU A 5 0.35 5.28 -10.73
CA LEU A 5 0.54 3.80 -10.76
C LEU A 5 1.38 3.35 -9.58
N LEU A 6 2.43 4.08 -9.28
CA LEU A 6 3.32 3.73 -8.13
C LEU A 6 2.54 3.82 -6.81
N HIS A 7 1.71 4.82 -6.66
CA HIS A 7 0.94 4.97 -5.38
C HIS A 7 0.07 3.74 -5.13
N GLY A 8 -0.63 3.27 -6.14
CA GLY A 8 -1.50 2.09 -5.96
C GLY A 8 -0.66 0.87 -5.57
N VAL A 9 0.38 0.59 -6.33
CA VAL A 9 1.24 -0.58 -6.00
C VAL A 9 2.00 -0.34 -4.69
N GLY A 10 2.46 0.87 -4.48
CA GLY A 10 3.21 1.18 -3.23
C GLY A 10 2.25 1.13 -2.03
N HIS A 11 1.08 1.67 -2.19
CA HIS A 11 0.08 1.66 -1.08
C HIS A 11 -0.34 0.22 -0.74
N ALA A 12 -0.55 -0.59 -1.75
CA ALA A 12 -0.97 -2.00 -1.50
C ALA A 12 0.05 -2.72 -0.62
N ILE A 13 1.31 -2.54 -0.88
CA ILE A 13 2.36 -3.21 -0.05
C ILE A 13 2.33 -2.66 1.38
N HIS A 14 2.27 -1.37 1.53
CA HIS A 14 2.24 -0.76 2.89
C HIS A 14 0.91 -1.06 3.60
N GLY A 15 -0.18 -0.89 2.91
CA GLY A 15 -1.51 -1.15 3.54
C GLY A 15 -1.64 -2.63 3.93
N LEU A 16 -1.30 -3.52 3.03
CA LEU A 16 -1.42 -4.98 3.33
C LEU A 16 -0.46 -5.39 4.45
N ILE A 17 0.78 -4.96 4.39
CA ILE A 17 1.78 -5.34 5.44
C ILE A 17 1.40 -4.71 6.80
N HIS A 18 1.03 -3.46 6.81
CA HIS A 18 0.67 -2.78 8.10
C HIS A 18 -0.80 -3.04 8.45
N GLY A 19 -1.60 -3.47 7.50
CA GLY A 19 -3.04 -3.74 7.78
C GLY A 19 -3.19 -4.97 8.69
N LYS A 20 -2.18 -5.81 8.76
CA LYS A 20 -2.29 -7.04 9.61
C LYS A 20 -2.58 -6.65 11.08
N GLN A 21 -1.85 -5.70 11.61
CA GLN A 21 -2.08 -5.29 13.02
C GLN A 21 -2.28 -3.78 13.11
N ASN A 22 -3.41 -3.36 13.63
CA ASN A 22 -3.67 -1.89 13.76
C ASN A 22 -3.23 -1.41 15.14
N VAL A 23 -2.05 -0.84 15.22
CA VAL A 23 -1.55 -0.36 16.54
C VAL A 23 -1.20 1.13 16.43
N GLU A 24 -1.65 1.93 17.38
CA GLU A 24 -1.35 3.39 17.34
C GLU A 24 -0.72 3.83 18.66
N PHE A 1 0.53 9.36 -16.03
CA PHE A 1 0.13 8.93 -14.66
C PHE A 1 1.15 7.94 -14.09
N LEU A 2 2.43 8.12 -14.36
CA LEU A 2 3.45 7.18 -13.82
C LEU A 2 3.47 7.23 -12.28
N GLY A 3 3.41 8.41 -11.71
CA GLY A 3 3.43 8.53 -10.22
C GLY A 3 2.14 7.91 -9.66
N MET A 4 1.05 8.05 -10.37
CA MET A 4 -0.25 7.50 -9.90
C MET A 4 -0.14 5.97 -9.77
N LEU A 5 0.52 5.33 -10.71
CA LEU A 5 0.67 3.85 -10.65
C LEU A 5 1.48 3.43 -9.42
N LEU A 6 2.54 4.14 -9.13
CA LEU A 6 3.39 3.78 -7.95
C LEU A 6 2.56 3.90 -6.67
N HIS A 7 1.73 4.91 -6.58
CA HIS A 7 0.90 5.07 -5.34
C HIS A 7 0.01 3.85 -5.11
N GLY A 8 -0.67 3.39 -6.14
CA GLY A 8 -1.56 2.19 -5.99
C GLY A 8 -0.73 0.95 -5.66
N VAL A 9 0.36 0.75 -6.37
CA VAL A 9 1.22 -0.44 -6.11
C VAL A 9 1.80 -0.37 -4.70
N GLY A 10 2.31 0.77 -4.32
CA GLY A 10 2.90 0.92 -2.95
C GLY A 10 1.80 0.83 -1.90
N HIS A 11 0.62 1.34 -2.20
CA HIS A 11 -0.50 1.31 -1.22
C HIS A 11 -0.85 -0.14 -0.85
N ALA A 12 -0.99 -1.00 -1.83
CA ALA A 12 -1.34 -2.42 -1.53
C ALA A 12 -0.26 -3.05 -0.64
N ILE A 13 0.99 -2.91 -1.01
CA ILE A 13 2.09 -3.49 -0.19
C ILE A 13 2.18 -2.78 1.17
N HIS A 14 2.12 -1.47 1.16
CA HIS A 14 2.20 -0.71 2.45
C HIS A 14 0.97 -0.96 3.33
N GLY A 15 -0.19 -0.91 2.74
CA GLY A 15 -1.44 -1.12 3.53
C GLY A 15 -1.52 -2.56 4.05
N LEU A 16 -1.24 -3.53 3.21
CA LEU A 16 -1.32 -4.95 3.65
C LEU A 16 -0.26 -5.28 4.70
N ILE A 17 0.97 -4.85 4.50
CA ILE A 17 2.05 -5.15 5.50
C ILE A 17 1.79 -4.43 6.83
N HIS A 18 1.41 -3.18 6.78
CA HIS A 18 1.17 -2.41 8.04
C HIS A 18 -0.27 -2.64 8.54
N GLY A 19 -1.17 -3.00 7.67
CA GLY A 19 -2.58 -3.24 8.10
C GLY A 19 -2.65 -4.40 9.08
N LYS A 20 -1.82 -5.40 8.89
CA LYS A 20 -1.85 -6.59 9.81
C LYS A 20 -1.52 -6.15 11.25
N GLN A 21 -0.50 -5.33 11.42
CA GLN A 21 -0.14 -4.88 12.80
C GLN A 21 -1.05 -3.74 13.25
N ASN A 22 -1.43 -3.74 14.51
CA ASN A 22 -2.33 -2.65 15.04
C ASN A 22 -3.61 -2.54 14.19
N VAL A 23 -4.18 -3.66 13.83
CA VAL A 23 -5.42 -3.62 13.00
C VAL A 23 -6.57 -2.98 13.80
N GLU A 24 -6.63 -3.23 15.08
CA GLU A 24 -7.71 -2.64 15.92
C GLU A 24 -9.10 -2.88 15.30
N PHE A 1 -1.52 8.82 -15.20
CA PHE A 1 -1.94 7.45 -14.81
C PHE A 1 -0.71 6.64 -14.36
N LEU A 2 0.40 6.80 -15.04
CA LEU A 2 1.63 6.04 -14.66
C LEU A 2 2.06 6.44 -13.24
N GLY A 3 2.02 7.72 -12.93
CA GLY A 3 2.42 8.18 -11.58
C GLY A 3 1.47 7.60 -10.53
N MET A 4 0.20 7.52 -10.87
CA MET A 4 -0.80 6.96 -9.90
C MET A 4 -0.52 5.48 -9.62
N LEU A 5 -0.07 4.75 -10.61
CA LEU A 5 0.23 3.29 -10.40
C LEU A 5 1.32 3.13 -9.34
N LEU A 6 2.36 3.93 -9.42
CA LEU A 6 3.46 3.84 -8.40
C LEU A 6 2.91 4.19 -7.02
N HIS A 7 2.06 5.19 -6.95
CA HIS A 7 1.47 5.59 -5.64
C HIS A 7 0.58 4.47 -5.10
N GLY A 8 -0.20 3.87 -5.95
CA GLY A 8 -1.09 2.75 -5.50
C GLY A 8 -0.24 1.58 -5.03
N VAL A 9 0.87 1.35 -5.70
CA VAL A 9 1.77 0.21 -5.29
C VAL A 9 2.27 0.44 -3.87
N GLY A 10 2.70 1.64 -3.56
CA GLY A 10 3.21 1.93 -2.19
C GLY A 10 2.06 1.78 -1.19
N HIS A 11 0.88 2.20 -1.56
CA HIS A 11 -0.29 2.07 -0.65
C HIS A 11 -0.65 0.59 -0.45
N ALA A 12 -0.70 -0.16 -1.52
CA ALA A 12 -1.05 -1.61 -1.40
C ALA A 12 0.02 -2.36 -0.59
N ILE A 13 1.27 -2.12 -0.88
CA ILE A 13 2.36 -2.82 -0.13
C ILE A 13 2.31 -2.42 1.36
N HIS A 14 2.17 -1.15 1.63
CA HIS A 14 2.11 -0.69 3.04
C HIS A 14 0.82 -1.18 3.71
N GLY A 15 -0.29 -1.05 3.04
CA GLY A 15 -1.59 -1.49 3.61
C GLY A 15 -1.64 -3.02 3.74
N LEU A 16 -1.23 -3.72 2.72
CA LEU A 16 -1.27 -5.23 2.77
C LEU A 16 -0.32 -5.77 3.83
N ILE A 17 0.89 -5.26 3.90
CA ILE A 17 1.87 -5.75 4.92
C ILE A 17 1.36 -5.44 6.33
N HIS A 18 0.88 -4.24 6.54
CA HIS A 18 0.37 -3.86 7.89
C HIS A 18 -1.08 -4.31 8.08
N GLY A 19 -1.76 -4.69 7.03
CA GLY A 19 -3.17 -5.14 7.15
C GLY A 19 -3.23 -6.44 7.97
N LYS A 20 -2.23 -7.27 7.84
CA LYS A 20 -2.22 -8.57 8.60
C LYS A 20 -2.22 -8.29 10.10
N GLN A 21 -1.47 -7.29 10.52
CA GLN A 21 -1.40 -6.95 11.99
C GLN A 21 -0.99 -8.18 12.80
N ASN A 22 -0.25 -9.08 12.22
CA ASN A 22 0.21 -10.29 12.96
C ASN A 22 1.14 -9.89 14.11
N VAL A 23 1.82 -8.77 13.96
CA VAL A 23 2.75 -8.31 15.03
C VAL A 23 1.95 -7.83 16.25
N GLU A 24 2.31 -8.27 17.42
CA GLU A 24 1.58 -7.84 18.65
C GLU A 24 2.46 -6.94 19.51
N PHE A 1 -1.52 8.82 -15.20
CA PHE A 1 -1.94 7.45 -14.81
C PHE A 1 -0.71 6.64 -14.36
N LEU A 2 0.40 6.80 -15.04
CA LEU A 2 1.63 6.04 -14.66
C LEU A 2 2.06 6.44 -13.24
N GLY A 3 2.02 7.72 -12.93
CA GLY A 3 2.42 8.18 -11.58
C GLY A 3 1.47 7.60 -10.53
N MET A 4 0.20 7.52 -10.87
CA MET A 4 -0.80 6.96 -9.90
C MET A 4 -0.52 5.48 -9.62
N LEU A 5 -0.07 4.75 -10.61
CA LEU A 5 0.23 3.29 -10.40
C LEU A 5 1.32 3.13 -9.34
N LEU A 6 2.36 3.93 -9.42
CA LEU A 6 3.46 3.84 -8.40
C LEU A 6 2.91 4.19 -7.02
N HIS A 7 2.06 5.19 -6.95
CA HIS A 7 1.47 5.59 -5.64
C HIS A 7 0.58 4.47 -5.10
N GLY A 8 -0.20 3.87 -5.95
CA GLY A 8 -1.09 2.75 -5.50
C GLY A 8 -0.24 1.58 -5.03
N VAL A 9 0.87 1.35 -5.70
CA VAL A 9 1.77 0.21 -5.29
C VAL A 9 2.27 0.44 -3.87
N GLY A 10 2.70 1.64 -3.56
CA GLY A 10 3.21 1.93 -2.19
C GLY A 10 2.06 1.78 -1.19
N HIS A 11 0.88 2.20 -1.56
CA HIS A 11 -0.29 2.07 -0.65
C HIS A 11 -0.65 0.59 -0.45
N ALA A 12 -0.70 -0.16 -1.52
CA ALA A 12 -1.05 -1.61 -1.40
C ALA A 12 0.02 -2.36 -0.59
N ILE A 13 1.27 -2.12 -0.88
CA ILE A 13 2.36 -2.82 -0.13
C ILE A 13 2.31 -2.42 1.36
N HIS A 14 2.17 -1.15 1.63
CA HIS A 14 2.11 -0.69 3.04
C HIS A 14 0.82 -1.18 3.71
N GLY A 15 -0.29 -1.05 3.04
CA GLY A 15 -1.59 -1.49 3.61
C GLY A 15 -1.64 -3.02 3.74
N LEU A 16 -1.23 -3.72 2.72
CA LEU A 16 -1.27 -5.23 2.77
C LEU A 16 -0.32 -5.77 3.83
N ILE A 17 0.89 -5.26 3.90
CA ILE A 17 1.87 -5.75 4.92
C ILE A 17 1.36 -5.44 6.33
N HIS A 18 0.88 -4.24 6.54
CA HIS A 18 0.37 -3.86 7.89
C HIS A 18 -1.08 -4.31 8.08
N GLY A 19 -1.76 -4.69 7.03
CA GLY A 19 -3.17 -5.14 7.15
C GLY A 19 -3.23 -6.44 7.97
N LYS A 20 -2.23 -7.27 7.84
CA LYS A 20 -2.22 -8.57 8.60
C LYS A 20 -2.22 -8.29 10.10
N GLN A 21 -1.47 -7.29 10.52
CA GLN A 21 -1.40 -6.95 11.99
C GLN A 21 -0.99 -8.18 12.80
N ASN A 22 -0.25 -9.08 12.22
CA ASN A 22 0.21 -10.29 12.96
C ASN A 22 1.14 -9.89 14.11
N VAL A 23 1.82 -8.77 13.96
CA VAL A 23 2.75 -8.31 15.03
C VAL A 23 1.95 -7.83 16.25
N GLU A 24 2.31 -8.27 17.42
CA GLU A 24 1.58 -7.84 18.65
C GLU A 24 2.46 -6.94 19.51
N PHE A 1 -1.20 11.00 -14.49
CA PHE A 1 -1.84 9.78 -13.90
C PHE A 1 -0.81 8.66 -13.73
N LEU A 2 0.30 8.73 -14.42
CA LEU A 2 1.33 7.66 -14.30
C LEU A 2 1.88 7.61 -12.87
N GLY A 3 2.11 8.75 -12.28
CA GLY A 3 2.65 8.77 -10.88
C GLY A 3 1.65 8.12 -9.93
N MET A 4 0.38 8.27 -10.19
CA MET A 4 -0.67 7.66 -9.31
C MET A 4 -0.57 6.13 -9.31
N LEU A 5 -0.26 5.55 -10.44
CA LEU A 5 -0.13 4.06 -10.50
C LEU A 5 1.01 3.60 -9.59
N LEU A 6 2.08 4.34 -9.56
CA LEU A 6 3.23 3.97 -8.69
C LEU A 6 2.80 4.03 -7.23
N HIS A 7 2.00 5.00 -6.87
CA HIS A 7 1.53 5.14 -5.46
C HIS A 7 0.63 3.96 -5.08
N GLY A 8 -0.23 3.54 -5.99
CA GLY A 8 -1.14 2.39 -5.70
C GLY A 8 -0.29 1.14 -5.42
N VAL A 9 0.77 0.96 -6.15
CA VAL A 9 1.65 -0.22 -5.94
C VAL A 9 2.25 -0.15 -4.53
N GLY A 10 2.73 1.01 -4.14
CA GLY A 10 3.32 1.17 -2.79
C GLY A 10 2.22 1.03 -1.73
N HIS A 11 1.03 1.52 -2.03
CA HIS A 11 -0.10 1.43 -1.05
C HIS A 11 -0.48 -0.03 -0.79
N ALA A 12 -0.56 -0.84 -1.82
CA ALA A 12 -0.95 -2.27 -1.62
C ALA A 12 0.05 -2.97 -0.70
N ILE A 13 1.33 -2.79 -0.94
CA ILE A 13 2.37 -3.45 -0.09
C ILE A 13 2.33 -2.85 1.33
N HIS A 14 2.22 -1.55 1.44
CA HIS A 14 2.19 -0.90 2.78
C HIS A 14 0.87 -1.21 3.49
N GLY A 15 -0.23 -1.11 2.80
CA GLY A 15 -1.55 -1.38 3.42
C GLY A 15 -1.63 -2.85 3.86
N LEU A 16 -1.24 -3.76 3.00
CA LEU A 16 -1.30 -5.21 3.37
C LEU A 16 -0.36 -5.49 4.54
N ILE A 17 0.84 -4.95 4.51
CA ILE A 17 1.80 -5.18 5.64
C ILE A 17 1.27 -4.51 6.91
N HIS A 18 0.77 -3.30 6.78
CA HIS A 18 0.24 -2.58 7.97
C HIS A 18 -1.26 -2.84 8.14
N GLY A 19 -1.79 -3.84 7.49
CA GLY A 19 -3.25 -4.13 7.61
C GLY A 19 -3.56 -4.80 8.96
N LYS A 20 -2.55 -5.09 9.75
CA LYS A 20 -2.80 -5.75 11.08
C LYS A 20 -3.79 -4.91 11.90
N GLN A 21 -4.66 -5.55 12.65
CA GLN A 21 -5.66 -4.79 13.46
C GLN A 21 -4.96 -3.87 14.48
N ASN A 22 -5.23 -2.60 14.45
CA ASN A 22 -4.60 -1.66 15.42
C ASN A 22 -5.33 -1.76 16.77
N VAL A 23 -4.59 -1.88 17.84
CA VAL A 23 -5.24 -2.01 19.19
C VAL A 23 -6.02 -0.74 19.56
N GLU A 24 -5.56 0.41 19.11
CA GLU A 24 -6.26 1.70 19.43
C GLU A 24 -6.44 1.85 20.95
N PHE A 1 1.27 9.65 -16.00
CA PHE A 1 0.44 8.47 -15.62
C PHE A 1 1.28 7.48 -14.79
N LEU A 2 2.57 7.45 -15.03
CA LEU A 2 3.45 6.52 -14.26
C LEU A 2 3.43 6.87 -12.77
N GLY A 3 3.42 8.14 -12.45
CA GLY A 3 3.43 8.56 -11.01
C GLY A 3 2.18 8.03 -10.30
N MET A 4 1.02 8.14 -10.91
CA MET A 4 -0.23 7.65 -10.25
C MET A 4 -0.21 6.13 -10.10
N LEU A 5 0.31 5.42 -11.07
CA LEU A 5 0.35 3.92 -10.99
C LEU A 5 1.20 3.48 -9.79
N LEU A 6 2.32 4.13 -9.59
CA LEU A 6 3.22 3.77 -8.46
C LEU A 6 2.53 4.02 -7.10
N HIS A 7 1.78 5.09 -7.00
CA HIS A 7 1.09 5.40 -5.70
C HIS A 7 0.20 4.24 -5.26
N GLY A 8 -0.53 3.66 -6.18
CA GLY A 8 -1.43 2.52 -5.81
C GLY A 8 -0.57 1.33 -5.37
N VAL A 9 0.57 1.16 -5.99
CA VAL A 9 1.46 0.01 -5.64
C VAL A 9 1.99 0.16 -4.20
N GLY A 10 2.43 1.33 -3.84
CA GLY A 10 2.97 1.54 -2.46
C GLY A 10 1.86 1.34 -1.43
N HIS A 11 0.68 1.81 -1.72
CA HIS A 11 -0.46 1.67 -0.76
C HIS A 11 -0.75 0.18 -0.46
N ALA A 12 -0.83 -0.64 -1.46
CA ALA A 12 -1.14 -2.09 -1.22
C ALA A 12 -0.04 -2.75 -0.40
N ILE A 13 1.20 -2.47 -0.71
CA ILE A 13 2.32 -3.09 0.06
C ILE A 13 2.28 -2.61 1.51
N HIS A 14 2.08 -1.33 1.72
CA HIS A 14 2.03 -0.79 3.12
C HIS A 14 0.78 -1.31 3.84
N GLY A 15 -0.36 -1.24 3.20
CA GLY A 15 -1.61 -1.71 3.84
C GLY A 15 -1.55 -3.22 4.09
N LEU A 16 -1.17 -3.99 3.11
CA LEU A 16 -1.10 -5.47 3.30
C LEU A 16 -0.08 -5.82 4.39
N ILE A 17 1.08 -5.20 4.35
CA ILE A 17 2.12 -5.50 5.39
C ILE A 17 1.64 -5.01 6.76
N HIS A 18 1.07 -3.83 6.82
CA HIS A 18 0.59 -3.30 8.14
C HIS A 18 -0.84 -3.77 8.46
N GLY A 19 -1.43 -4.58 7.60
CA GLY A 19 -2.82 -5.06 7.87
C GLY A 19 -2.81 -6.00 9.08
N LYS A 20 -1.86 -6.91 9.12
CA LYS A 20 -1.78 -7.87 10.27
C LYS A 20 -1.34 -7.12 11.52
N GLN A 21 -2.01 -7.32 12.63
CA GLN A 21 -1.62 -6.62 13.89
C GLN A 21 -0.97 -7.60 14.87
N ASN A 22 0.15 -7.24 15.43
CA ASN A 22 0.84 -8.13 16.41
C ASN A 22 0.47 -7.74 17.84
N VAL A 23 1.15 -8.31 18.80
CA VAL A 23 0.87 -7.97 20.24
C VAL A 23 1.17 -6.48 20.48
N GLU A 24 2.27 -6.00 19.96
CA GLU A 24 2.63 -4.55 20.14
C GLU A 24 2.69 -4.19 21.63
N PHE A 1 0.25 9.78 -15.75
CA PHE A 1 -0.38 8.63 -15.02
C PHE A 1 0.68 7.66 -14.52
N LEU A 2 1.92 7.79 -14.96
CA LEU A 2 2.99 6.86 -14.48
C LEU A 2 3.17 7.02 -12.97
N GLY A 3 3.16 8.24 -12.49
CA GLY A 3 3.33 8.49 -11.03
C GLY A 3 2.11 7.95 -10.28
N MET A 4 0.95 8.02 -10.89
CA MET A 4 -0.30 7.54 -10.22
C MET A 4 -0.18 6.03 -9.97
N LEU A 5 0.41 5.29 -10.88
CA LEU A 5 0.56 3.82 -10.69
C LEU A 5 1.42 3.55 -9.44
N LEU A 6 2.44 4.34 -9.25
CA LEU A 6 3.33 4.15 -8.06
C LEU A 6 2.53 4.32 -6.77
N HIS A 7 1.64 5.27 -6.73
CA HIS A 7 0.84 5.52 -5.50
C HIS A 7 -0.08 4.32 -5.21
N GLY A 8 -0.69 3.77 -6.23
CA GLY A 8 -1.60 2.61 -6.03
C GLY A 8 -0.81 1.37 -5.56
N VAL A 9 0.28 1.07 -6.23
CA VAL A 9 1.08 -0.13 -5.84
C VAL A 9 1.72 0.08 -4.46
N GLY A 10 2.17 1.27 -4.18
CA GLY A 10 2.80 1.54 -2.85
C GLY A 10 1.79 1.38 -1.72
N HIS A 11 0.56 1.77 -1.96
CA HIS A 11 -0.50 1.65 -0.90
C HIS A 11 -0.78 0.18 -0.57
N ALA A 12 -0.95 -0.65 -1.57
CA ALA A 12 -1.26 -2.09 -1.32
C ALA A 12 -0.15 -2.75 -0.50
N ILE A 13 1.09 -2.53 -0.84
CA ILE A 13 2.22 -3.16 -0.09
C ILE A 13 2.24 -2.64 1.36
N HIS A 14 2.09 -1.35 1.55
CA HIS A 14 2.10 -0.79 2.92
C HIS A 14 0.86 -1.23 3.69
N GLY A 15 -0.28 -1.20 3.06
CA GLY A 15 -1.55 -1.60 3.75
C GLY A 15 -1.51 -3.08 4.10
N LEU A 16 -1.16 -3.94 3.16
CA LEU A 16 -1.12 -5.41 3.46
C LEU A 16 -0.05 -5.76 4.50
N ILE A 17 1.13 -5.20 4.38
CA ILE A 17 2.22 -5.51 5.37
C ILE A 17 1.85 -5.00 6.76
N HIS A 18 1.36 -3.79 6.86
CA HIS A 18 0.99 -3.24 8.19
C HIS A 18 -0.41 -3.70 8.61
N GLY A 19 -1.25 -4.01 7.66
CA GLY A 19 -2.63 -4.47 7.99
C GLY A 19 -2.56 -5.77 8.80
N LYS A 20 -1.67 -6.65 8.43
CA LYS A 20 -1.55 -7.94 9.19
C LYS A 20 -0.67 -7.72 10.42
N GLN A 21 -1.09 -8.23 11.55
CA GLN A 21 -0.28 -8.06 12.81
C GLN A 21 0.36 -9.38 13.22
N ASN A 22 1.44 -9.31 13.96
CA ASN A 22 2.14 -10.55 14.41
C ASN A 22 1.48 -11.09 15.69
N VAL A 23 1.12 -12.35 15.69
CA VAL A 23 0.47 -12.95 16.90
C VAL A 23 1.32 -14.14 17.38
N GLU A 24 1.65 -14.18 18.65
CA GLU A 24 2.47 -15.31 19.18
C GLU A 24 1.58 -16.52 19.44
N PHE A 1 0.72 10.82 -15.32
CA PHE A 1 -0.16 9.82 -14.65
C PHE A 1 0.64 8.56 -14.27
N LEU A 2 1.82 8.39 -14.80
CA LEU A 2 2.63 7.18 -14.45
C LEU A 2 2.96 7.19 -12.95
N GLY A 3 3.31 8.35 -12.42
CA GLY A 3 3.63 8.43 -10.96
C GLY A 3 2.38 8.12 -10.15
N MET A 4 1.23 8.50 -10.64
CA MET A 4 -0.05 8.23 -9.90
C MET A 4 -0.28 6.73 -9.79
N LEU A 5 0.02 6.00 -10.85
CA LEU A 5 -0.19 4.51 -10.82
C LEU A 5 0.73 3.89 -9.75
N LEU A 6 1.92 4.39 -9.62
CA LEU A 6 2.88 3.83 -8.61
C LEU A 6 2.30 3.98 -7.20
N HIS A 7 1.57 5.04 -6.96
CA HIS A 7 0.98 5.26 -5.60
C HIS A 7 0.13 4.05 -5.17
N GLY A 8 -0.65 3.51 -6.08
CA GLY A 8 -1.50 2.33 -5.74
C GLY A 8 -0.62 1.13 -5.38
N VAL A 9 0.48 0.96 -6.06
CA VAL A 9 1.39 -0.19 -5.74
C VAL A 9 1.91 -0.08 -4.32
N GLY A 10 2.35 1.08 -3.92
CA GLY A 10 2.87 1.27 -2.53
C GLY A 10 1.74 1.04 -1.54
N HIS A 11 0.54 1.44 -1.89
CA HIS A 11 -0.62 1.25 -0.97
C HIS A 11 -0.83 -0.24 -0.67
N ALA A 12 -0.83 -1.07 -1.67
CA ALA A 12 -1.04 -2.53 -1.45
C ALA A 12 0.08 -3.11 -0.59
N ILE A 13 1.31 -2.78 -0.90
CA ILE A 13 2.46 -3.32 -0.09
C ILE A 13 2.40 -2.74 1.32
N HIS A 14 2.17 -1.46 1.45
CA HIS A 14 2.10 -0.83 2.80
C HIS A 14 0.83 -1.27 3.54
N GLY A 15 -0.29 -1.25 2.87
CA GLY A 15 -1.57 -1.65 3.52
C GLY A 15 -1.51 -3.11 3.97
N LEU A 16 -1.04 -3.99 3.11
CA LEU A 16 -0.96 -5.43 3.50
C LEU A 16 0.02 -5.62 4.65
N ILE A 17 1.17 -5.01 4.59
CA ILE A 17 2.18 -5.16 5.67
C ILE A 17 1.68 -4.50 6.98
N HIS A 18 1.10 -3.32 6.87
CA HIS A 18 0.60 -2.62 8.09
C HIS A 18 -0.88 -2.92 8.34
N GLY A 19 -1.48 -3.79 7.59
CA GLY A 19 -2.92 -4.12 7.79
C GLY A 19 -3.11 -4.73 9.18
N LYS A 20 -2.14 -5.49 9.64
CA LYS A 20 -2.25 -6.12 10.98
C LYS A 20 -0.97 -5.88 11.79
N GLN A 21 -1.03 -4.99 12.76
CA GLN A 21 0.18 -4.71 13.59
C GLN A 21 0.54 -5.95 14.41
N ASN A 22 -0.45 -6.63 14.94
CA ASN A 22 -0.18 -7.85 15.76
C ASN A 22 -1.42 -8.75 15.77
N VAL A 23 -1.24 -10.01 16.07
CA VAL A 23 -2.41 -10.95 16.11
C VAL A 23 -3.39 -10.52 17.20
N GLU A 24 -2.89 -10.20 18.37
CA GLU A 24 -3.78 -9.77 19.49
C GLU A 24 -4.48 -8.46 19.13
N PHE A 1 -1.22 8.79 -16.57
CA PHE A 1 -1.21 8.89 -15.08
C PHE A 1 -0.34 7.77 -14.48
N LEU A 2 0.85 7.61 -14.98
CA LEU A 2 1.77 6.55 -14.45
C LEU A 2 2.11 6.81 -12.99
N GLY A 3 2.35 8.06 -12.63
CA GLY A 3 2.71 8.38 -11.22
C GLY A 3 1.61 7.89 -10.27
N MET A 4 0.37 8.05 -10.66
CA MET A 4 -0.75 7.58 -9.79
C MET A 4 -0.69 6.06 -9.63
N LEU A 5 -0.38 5.37 -10.69
CA LEU A 5 -0.29 3.88 -10.62
C LEU A 5 0.85 3.47 -9.68
N LEU A 6 1.96 4.17 -9.74
CA LEU A 6 3.11 3.84 -8.84
C LEU A 6 2.70 4.04 -7.38
N HIS A 7 1.98 5.08 -7.10
CA HIS A 7 1.54 5.36 -5.69
C HIS A 7 0.69 4.19 -5.18
N GLY A 8 -0.14 3.64 -6.02
CA GLY A 8 -1.00 2.50 -5.59
C GLY A 8 -0.13 1.32 -5.15
N VAL A 9 1.00 1.13 -5.78
CA VAL A 9 1.90 0.01 -5.39
C VAL A 9 2.38 0.22 -3.95
N GLY A 10 2.80 1.41 -3.62
CA GLY A 10 3.28 1.67 -2.23
C GLY A 10 2.11 1.46 -1.25
N HIS A 11 0.93 1.87 -1.62
CA HIS A 11 -0.25 1.69 -0.73
C HIS A 11 -0.56 0.20 -0.58
N ALA A 12 -0.51 -0.53 -1.66
CA ALA A 12 -0.81 -2.00 -1.61
C ALA A 12 0.22 -2.71 -0.72
N ILE A 13 1.48 -2.44 -0.92
CA ILE A 13 2.54 -3.11 -0.09
C ILE A 13 2.41 -2.69 1.38
N HIS A 14 2.28 -1.41 1.63
CA HIS A 14 2.16 -0.92 3.04
C HIS A 14 0.80 -1.32 3.63
N GLY A 15 -0.25 -1.14 2.88
CA GLY A 15 -1.61 -1.46 3.38
C GLY A 15 -1.71 -2.95 3.72
N LEU A 16 -1.29 -3.81 2.83
CA LEU A 16 -1.38 -5.27 3.09
C LEU A 16 -0.47 -5.69 4.26
N ILE A 17 0.74 -5.20 4.29
CA ILE A 17 1.69 -5.58 5.39
C ILE A 17 1.21 -5.02 6.74
N HIS A 18 0.79 -3.78 6.78
CA HIS A 18 0.34 -3.18 8.07
C HIS A 18 -1.15 -3.46 8.31
N GLY A 19 -1.90 -3.73 7.28
CA GLY A 19 -3.36 -4.02 7.45
C GLY A 19 -4.09 -2.78 7.97
N LYS A 20 -3.68 -1.61 7.53
CA LYS A 20 -4.34 -0.35 8.00
C LYS A 20 -5.55 -0.03 7.12
N GLN A 21 -6.59 0.53 7.70
CA GLN A 21 -7.80 0.87 6.91
C GLN A 21 -8.08 2.38 6.98
N ASN A 22 -8.81 2.91 6.03
CA ASN A 22 -9.12 4.36 6.03
C ASN A 22 -10.49 4.60 6.69
N VAL A 23 -10.59 5.60 7.53
CA VAL A 23 -11.89 5.88 8.22
C VAL A 23 -12.95 6.32 7.20
N GLU A 24 -12.60 7.23 6.30
CA GLU A 24 -13.59 7.71 5.28
C GLU A 24 -14.89 8.17 5.95
N PHE A 1 -0.04 9.49 -16.17
CA PHE A 1 -0.70 8.62 -15.16
C PHE A 1 0.29 7.62 -14.54
N LEU A 2 1.53 7.63 -14.98
CA LEU A 2 2.54 6.67 -14.42
C LEU A 2 2.77 6.96 -12.92
N GLY A 3 2.83 8.20 -12.54
CA GLY A 3 3.06 8.55 -11.10
C GLY A 3 1.90 8.03 -10.25
N MET A 4 0.70 8.18 -10.74
CA MET A 4 -0.49 7.70 -9.96
C MET A 4 -0.45 6.18 -9.81
N LEU A 5 -0.04 5.48 -10.84
CA LEU A 5 0.03 3.99 -10.76
C LEU A 5 1.04 3.57 -9.69
N LEU A 6 2.17 4.25 -9.64
CA LEU A 6 3.21 3.89 -8.63
C LEU A 6 2.67 4.11 -7.21
N HIS A 7 1.94 5.17 -7.00
CA HIS A 7 1.39 5.44 -5.64
C HIS A 7 0.49 4.30 -5.18
N GLY A 8 -0.33 3.78 -6.08
CA GLY A 8 -1.24 2.66 -5.71
C GLY A 8 -0.42 1.43 -5.32
N VAL A 9 0.69 1.20 -5.97
CA VAL A 9 1.53 0.00 -5.65
C VAL A 9 2.03 0.11 -4.20
N GLY A 10 2.51 1.25 -3.80
CA GLY A 10 3.01 1.41 -2.41
C GLY A 10 1.86 1.22 -1.43
N HIS A 11 0.68 1.68 -1.79
CA HIS A 11 -0.50 1.52 -0.88
C HIS A 11 -0.79 0.04 -0.64
N ALA A 12 -0.83 -0.75 -1.68
CA ALA A 12 -1.13 -2.21 -1.51
C ALA A 12 -0.07 -2.87 -0.63
N ILE A 13 1.19 -2.63 -0.92
CA ILE A 13 2.28 -3.25 -0.12
C ILE A 13 2.23 -2.72 1.32
N HIS A 14 2.06 -1.43 1.49
CA HIS A 14 2.02 -0.84 2.86
C HIS A 14 0.75 -1.30 3.61
N GLY A 15 -0.38 -1.26 2.95
CA GLY A 15 -1.65 -1.68 3.61
C GLY A 15 -1.59 -3.16 4.02
N LEU A 16 -1.18 -4.02 3.11
CA LEU A 16 -1.12 -5.47 3.44
C LEU A 16 -0.08 -5.73 4.54
N ILE A 17 1.08 -5.13 4.45
CA ILE A 17 2.13 -5.35 5.50
C ILE A 17 1.66 -4.79 6.84
N HIS A 18 1.09 -3.61 6.84
CA HIS A 18 0.62 -2.99 8.11
C HIS A 18 -0.80 -3.49 8.48
N GLY A 19 -1.46 -4.20 7.60
CA GLY A 19 -2.83 -4.69 7.90
C GLY A 19 -2.80 -5.65 9.09
N LYS A 20 -1.78 -6.46 9.19
CA LYS A 20 -1.69 -7.43 10.32
C LYS A 20 -1.34 -6.70 11.62
N GLN A 21 -1.99 -7.04 12.71
CA GLN A 21 -1.71 -6.36 14.01
C GLN A 21 -0.29 -6.72 14.49
N ASN A 22 0.07 -7.97 14.43
CA ASN A 22 1.42 -8.40 14.88
C ASN A 22 2.07 -9.31 13.82
N VAL A 23 3.22 -8.93 13.33
CA VAL A 23 3.92 -9.76 12.30
C VAL A 23 4.31 -11.13 12.89
N GLU A 24 4.80 -11.13 14.11
CA GLU A 24 5.22 -12.42 14.74
C GLU A 24 3.98 -13.22 15.18
N PHE A 1 0.62 9.69 -15.81
CA PHE A 1 -0.10 8.50 -15.25
C PHE A 1 0.89 7.52 -14.62
N LEU A 2 2.15 7.59 -14.99
CA LEU A 2 3.16 6.66 -14.42
C LEU A 2 3.26 6.86 -12.91
N GLY A 3 3.26 8.09 -12.46
CA GLY A 3 3.36 8.37 -11.00
C GLY A 3 2.12 7.85 -10.28
N MET A 4 0.98 7.92 -10.93
CA MET A 4 -0.29 7.44 -10.29
C MET A 4 -0.22 5.93 -10.01
N LEU A 5 0.33 5.17 -10.92
CA LEU A 5 0.41 3.69 -10.71
C LEU A 5 1.26 3.39 -9.47
N LEU A 6 2.37 4.07 -9.33
CA LEU A 6 3.26 3.82 -8.15
C LEU A 6 2.51 4.18 -6.86
N HIS A 7 1.75 5.25 -6.87
CA HIS A 7 1.02 5.66 -5.63
C HIS A 7 0.12 4.51 -5.13
N GLY A 8 -0.56 3.84 -6.03
CA GLY A 8 -1.45 2.72 -5.63
C GLY A 8 -0.60 1.58 -5.04
N VAL A 9 0.58 1.38 -5.55
CA VAL A 9 1.46 0.30 -5.01
C VAL A 9 1.81 0.59 -3.55
N GLY A 10 2.13 1.83 -3.23
CA GLY A 10 2.49 2.17 -1.83
C GLY A 10 1.35 1.79 -0.88
N HIS A 11 0.13 2.07 -1.25
CA HIS A 11 -1.02 1.71 -0.37
C HIS A 11 -1.16 0.19 -0.26
N ALA A 12 -1.10 -0.51 -1.38
CA ALA A 12 -1.24 -2.00 -1.35
C ALA A 12 -0.06 -2.64 -0.60
N ILE A 13 1.15 -2.24 -0.91
CA ILE A 13 2.35 -2.82 -0.23
C ILE A 13 2.33 -2.45 1.27
N HIS A 14 2.07 -1.21 1.57
CA HIS A 14 2.05 -0.78 3.00
C HIS A 14 0.78 -1.29 3.70
N GLY A 15 -0.34 -1.21 3.04
CA GLY A 15 -1.61 -1.68 3.67
C GLY A 15 -1.55 -3.19 3.93
N LEU A 16 -1.05 -3.96 3.01
CA LEU A 16 -0.97 -5.44 3.22
C LEU A 16 0.08 -5.79 4.29
N ILE A 17 1.24 -5.17 4.24
CA ILE A 17 2.29 -5.47 5.25
C ILE A 17 1.84 -5.02 6.65
N HIS A 18 1.26 -3.85 6.74
CA HIS A 18 0.80 -3.34 8.08
C HIS A 18 -0.62 -3.79 8.39
N GLY A 19 -1.36 -4.24 7.40
CA GLY A 19 -2.77 -4.69 7.62
C GLY A 19 -2.78 -5.90 8.55
N LYS A 20 -1.79 -6.75 8.45
CA LYS A 20 -1.74 -7.95 9.32
C LYS A 20 -0.84 -7.69 10.53
N GLN A 21 -1.26 -8.11 11.70
CA GLN A 21 -0.45 -7.89 12.93
C GLN A 21 -0.41 -9.17 13.75
N ASN A 22 0.54 -9.28 14.66
CA ASN A 22 0.63 -10.49 15.51
C ASN A 22 -0.53 -10.50 16.53
N VAL A 23 -1.42 -11.43 16.41
CA VAL A 23 -2.57 -11.51 17.37
C VAL A 23 -2.76 -12.94 17.87
N GLU A 24 -3.43 -13.12 18.98
CA GLU A 24 -3.65 -14.48 19.54
C GLU A 24 -2.32 -15.22 19.71
N PHE A 1 1.00 7.42 -16.65
CA PHE A 1 0.47 7.14 -15.28
C PHE A 1 1.53 6.43 -14.43
N LEU A 2 2.79 6.69 -14.68
CA LEU A 2 3.86 6.02 -13.89
C LEU A 2 3.76 6.44 -12.42
N GLY A 3 3.53 7.71 -12.18
CA GLY A 3 3.41 8.21 -10.77
C GLY A 3 2.11 7.69 -10.16
N MET A 4 1.05 7.69 -10.92
CA MET A 4 -0.27 7.20 -10.40
C MET A 4 -0.18 5.72 -10.04
N LEU A 5 0.47 4.94 -10.86
CA LEU A 5 0.59 3.47 -10.59
C LEU A 5 1.39 3.24 -9.29
N LEU A 6 2.43 3.99 -9.09
CA LEU A 6 3.26 3.82 -7.85
C LEU A 6 2.41 4.11 -6.61
N HIS A 7 1.57 5.12 -6.67
CA HIS A 7 0.72 5.47 -5.49
C HIS A 7 -0.16 4.29 -5.10
N GLY A 8 -0.82 3.68 -6.06
CA GLY A 8 -1.69 2.52 -5.75
C GLY A 8 -0.84 1.37 -5.22
N VAL A 9 0.30 1.15 -5.83
CA VAL A 9 1.21 0.05 -5.37
C VAL A 9 1.73 0.38 -3.96
N GLY A 10 2.12 1.61 -3.73
CA GLY A 10 2.65 1.99 -2.40
C GLY A 10 1.60 1.72 -1.32
N HIS A 11 0.37 2.07 -1.57
CA HIS A 11 -0.71 1.82 -0.57
C HIS A 11 -0.95 0.31 -0.41
N ALA A 12 -1.01 -0.40 -1.51
CA ALA A 12 -1.26 -1.88 -1.43
C ALA A 12 -0.11 -2.58 -0.71
N ILE A 13 1.11 -2.30 -1.09
CA ILE A 13 2.28 -2.97 -0.44
C ILE A 13 2.36 -2.55 1.05
N HIS A 14 2.23 -1.27 1.31
CA HIS A 14 2.29 -0.78 2.72
C HIS A 14 1.04 -1.23 3.50
N GLY A 15 -0.11 -1.05 2.91
CA GLY A 15 -1.38 -1.44 3.59
C GLY A 15 -1.41 -2.94 3.86
N LEU A 16 -1.10 -3.74 2.87
CA LEU A 16 -1.13 -5.23 3.05
C LEU A 16 -0.08 -5.67 4.08
N ILE A 17 1.12 -5.16 4.00
CA ILE A 17 2.19 -5.56 4.98
C ILE A 17 1.82 -5.08 6.39
N HIS A 18 1.37 -3.86 6.51
CA HIS A 18 1.00 -3.31 7.85
C HIS A 18 -0.44 -3.70 8.23
N GLY A 19 -1.21 -4.22 7.31
CA GLY A 19 -2.62 -4.61 7.64
C GLY A 19 -2.59 -5.70 8.71
N LYS A 20 -1.66 -6.61 8.60
CA LYS A 20 -1.54 -7.71 9.60
C LYS A 20 -0.15 -7.67 10.24
N GLN A 21 -0.08 -7.88 11.53
CA GLN A 21 1.25 -7.85 12.22
C GLN A 21 2.14 -8.98 11.71
N ASN A 22 1.59 -10.15 11.52
CA ASN A 22 2.39 -11.29 11.01
C ASN A 22 1.50 -12.25 10.22
N VAL A 23 2.09 -13.13 9.44
CA VAL A 23 1.28 -14.08 8.64
C VAL A 23 0.48 -15.01 9.57
N GLU A 24 1.11 -15.52 10.59
CA GLU A 24 0.41 -16.43 11.54
C GLU A 24 -0.82 -15.73 12.14
N PHE A 1 -0.04 9.49 -16.17
CA PHE A 1 -0.70 8.62 -15.16
C PHE A 1 0.29 7.62 -14.54
N LEU A 2 1.53 7.63 -14.98
CA LEU A 2 2.54 6.67 -14.42
C LEU A 2 2.77 6.96 -12.92
N GLY A 3 2.83 8.20 -12.54
CA GLY A 3 3.06 8.55 -11.10
C GLY A 3 1.90 8.03 -10.25
N MET A 4 0.70 8.18 -10.74
CA MET A 4 -0.49 7.70 -9.96
C MET A 4 -0.45 6.18 -9.81
N LEU A 5 -0.04 5.48 -10.84
CA LEU A 5 0.03 3.99 -10.76
C LEU A 5 1.04 3.57 -9.69
N LEU A 6 2.17 4.25 -9.64
CA LEU A 6 3.21 3.89 -8.63
C LEU A 6 2.67 4.11 -7.21
N HIS A 7 1.94 5.17 -7.00
CA HIS A 7 1.39 5.44 -5.64
C HIS A 7 0.49 4.30 -5.18
N GLY A 8 -0.33 3.78 -6.08
CA GLY A 8 -1.24 2.66 -5.71
C GLY A 8 -0.42 1.43 -5.32
N VAL A 9 0.69 1.20 -5.97
CA VAL A 9 1.53 0.00 -5.65
C VAL A 9 2.03 0.11 -4.20
N GLY A 10 2.51 1.25 -3.80
CA GLY A 10 3.01 1.41 -2.41
C GLY A 10 1.86 1.22 -1.43
N HIS A 11 0.68 1.68 -1.79
CA HIS A 11 -0.50 1.52 -0.88
C HIS A 11 -0.79 0.04 -0.64
N ALA A 12 -0.83 -0.75 -1.68
CA ALA A 12 -1.13 -2.21 -1.51
C ALA A 12 -0.07 -2.87 -0.63
N ILE A 13 1.19 -2.63 -0.92
CA ILE A 13 2.28 -3.25 -0.12
C ILE A 13 2.23 -2.72 1.32
N HIS A 14 2.06 -1.43 1.49
CA HIS A 14 2.02 -0.84 2.86
C HIS A 14 0.75 -1.30 3.61
N GLY A 15 -0.38 -1.26 2.95
CA GLY A 15 -1.65 -1.68 3.61
C GLY A 15 -1.59 -3.16 4.02
N LEU A 16 -1.18 -4.02 3.11
CA LEU A 16 -1.12 -5.47 3.44
C LEU A 16 -0.08 -5.73 4.54
N ILE A 17 1.08 -5.13 4.45
CA ILE A 17 2.13 -5.35 5.50
C ILE A 17 1.66 -4.79 6.84
N HIS A 18 1.09 -3.61 6.84
CA HIS A 18 0.62 -2.99 8.11
C HIS A 18 -0.80 -3.49 8.48
N GLY A 19 -1.46 -4.20 7.60
CA GLY A 19 -2.83 -4.69 7.90
C GLY A 19 -2.80 -5.65 9.09
N LYS A 20 -1.78 -6.46 9.19
CA LYS A 20 -1.69 -7.43 10.32
C LYS A 20 -1.34 -6.70 11.62
N GLN A 21 -1.99 -7.04 12.71
CA GLN A 21 -1.71 -6.36 14.01
C GLN A 21 -0.29 -6.72 14.49
N ASN A 22 0.07 -7.97 14.43
CA ASN A 22 1.42 -8.40 14.88
C ASN A 22 2.07 -9.31 13.82
N VAL A 23 3.22 -8.93 13.33
CA VAL A 23 3.92 -9.76 12.30
C VAL A 23 4.31 -11.13 12.89
N GLU A 24 4.80 -11.13 14.11
CA GLU A 24 5.22 -12.42 14.74
C GLU A 24 3.98 -13.22 15.18
N PHE A 1 -1.99 9.45 -14.77
CA PHE A 1 -2.35 8.08 -14.30
C PHE A 1 -1.08 7.28 -14.02
N LEU A 2 -0.07 7.47 -14.82
CA LEU A 2 1.21 6.71 -14.62
C LEU A 2 1.80 7.03 -13.24
N GLY A 3 1.80 8.28 -12.85
CA GLY A 3 2.34 8.65 -11.51
C GLY A 3 1.42 8.06 -10.44
N MET A 4 0.14 8.07 -10.69
CA MET A 4 -0.83 7.52 -9.71
C MET A 4 -0.64 6.01 -9.55
N LEU A 5 -0.33 5.32 -10.63
CA LEU A 5 -0.12 3.84 -10.54
C LEU A 5 1.03 3.53 -9.60
N LEU A 6 2.09 4.30 -9.69
CA LEU A 6 3.26 4.08 -8.78
C LEU A 6 2.81 4.27 -7.32
N HIS A 7 1.99 5.25 -7.08
CA HIS A 7 1.50 5.53 -5.70
C HIS A 7 0.73 4.32 -5.15
N GLY A 8 -0.10 3.72 -5.95
CA GLY A 8 -0.90 2.54 -5.48
C GLY A 8 0.03 1.37 -5.13
N VAL A 9 1.12 1.23 -5.84
CA VAL A 9 2.05 0.09 -5.56
C VAL A 9 2.57 0.15 -4.11
N GLY A 10 3.01 1.31 -3.68
CA GLY A 10 3.52 1.44 -2.28
C GLY A 10 2.35 1.24 -1.31
N HIS A 11 1.18 1.70 -1.69
CA HIS A 11 -0.01 1.56 -0.80
C HIS A 11 -0.41 0.08 -0.65
N ALA A 12 -0.45 -0.66 -1.73
CA ALA A 12 -0.86 -2.10 -1.64
C ALA A 12 0.08 -2.87 -0.70
N ILE A 13 1.36 -2.74 -0.90
CA ILE A 13 2.33 -3.48 -0.04
C ILE A 13 2.24 -2.97 1.40
N HIS A 14 2.19 -1.67 1.57
CA HIS A 14 2.10 -1.09 2.95
C HIS A 14 0.74 -1.38 3.59
N GLY A 15 -0.32 -1.18 2.86
CA GLY A 15 -1.69 -1.42 3.40
C GLY A 15 -1.83 -2.90 3.79
N LEU A 16 -1.39 -3.77 2.94
CA LEU A 16 -1.50 -5.24 3.24
C LEU A 16 -0.59 -5.63 4.41
N ILE A 17 0.65 -5.17 4.40
CA ILE A 17 1.59 -5.55 5.51
C ILE A 17 1.15 -4.91 6.84
N HIS A 18 0.79 -3.65 6.84
CA HIS A 18 0.38 -2.99 8.12
C HIS A 18 -1.11 -3.21 8.39
N GLY A 19 -1.88 -3.53 7.37
CA GLY A 19 -3.34 -3.75 7.57
C GLY A 19 -4.00 -2.41 7.89
N LYS A 20 -3.52 -1.34 7.31
CA LYS A 20 -4.11 0.00 7.58
C LYS A 20 -5.47 0.09 6.89
N GLN A 21 -6.49 0.46 7.62
CA GLN A 21 -7.86 0.58 7.03
C GLN A 21 -8.41 1.98 7.32
N ASN A 22 -7.55 2.96 7.35
CA ASN A 22 -7.99 4.36 7.64
C ASN A 22 -8.96 4.86 6.56
N VAL A 23 -8.68 4.58 5.30
CA VAL A 23 -9.59 5.05 4.21
C VAL A 23 -10.96 4.39 4.33
N GLU A 24 -11.00 3.09 4.55
CA GLU A 24 -12.33 2.40 4.69
C GLU A 24 -12.28 1.42 5.88
N PHE A 1 -0.20 9.65 -15.13
CA PHE A 1 -0.87 8.40 -14.67
C PHE A 1 0.13 7.48 -13.98
N LEU A 2 1.38 7.55 -14.35
CA LEU A 2 2.41 6.67 -13.71
C LEU A 2 2.49 6.97 -12.20
N GLY A 3 2.41 8.21 -11.83
CA GLY A 3 2.50 8.59 -10.39
C GLY A 3 1.38 7.89 -9.60
N MET A 4 0.16 8.03 -10.06
CA MET A 4 -0.98 7.37 -9.35
C MET A 4 -0.82 5.85 -9.41
N LEU A 5 -0.45 5.33 -10.54
CA LEU A 5 -0.26 3.84 -10.65
C LEU A 5 0.87 3.42 -9.73
N LEU A 6 1.93 4.18 -9.70
CA LEU A 6 3.09 3.85 -8.81
C LEU A 6 2.65 3.95 -7.35
N HIS A 7 1.86 4.95 -7.03
CA HIS A 7 1.39 5.12 -5.62
C HIS A 7 0.61 3.88 -5.16
N GLY A 8 -0.20 3.33 -6.02
CA GLY A 8 -1.01 2.12 -5.63
C GLY A 8 -0.05 0.98 -5.27
N VAL A 9 1.02 0.82 -6.01
CA VAL A 9 1.98 -0.28 -5.70
C VAL A 9 2.59 -0.07 -4.30
N GLY A 10 3.02 1.14 -4.02
CA GLY A 10 3.61 1.43 -2.67
C GLY A 10 2.50 1.33 -1.62
N HIS A 11 1.34 1.83 -1.93
CA HIS A 11 0.20 1.78 -0.96
C HIS A 11 -0.22 0.33 -0.73
N ALA A 12 -0.30 -0.46 -1.77
CA ALA A 12 -0.73 -1.89 -1.61
C ALA A 12 0.24 -2.63 -0.68
N ILE A 13 1.53 -2.49 -0.89
CA ILE A 13 2.51 -3.19 -0.02
C ILE A 13 2.39 -2.69 1.43
N HIS A 14 2.35 -1.40 1.60
CA HIS A 14 2.23 -0.83 2.99
C HIS A 14 0.85 -1.11 3.58
N GLY A 15 -0.19 -0.88 2.82
CA GLY A 15 -1.57 -1.12 3.33
C GLY A 15 -1.78 -2.60 3.65
N LEU A 16 -1.39 -3.48 2.75
CA LEU A 16 -1.58 -4.94 3.00
C LEU A 16 -0.70 -5.43 4.16
N ILE A 17 0.54 -5.04 4.19
CA ILE A 17 1.44 -5.50 5.31
C ILE A 17 1.02 -4.90 6.65
N HIS A 18 0.72 -3.61 6.68
CA HIS A 18 0.31 -2.96 7.96
C HIS A 18 -1.18 -3.22 8.23
N GLY A 19 -1.97 -3.32 7.20
CA GLY A 19 -3.43 -3.58 7.38
C GLY A 19 -3.63 -4.96 7.98
N LYS A 20 -2.84 -5.91 7.57
CA LYS A 20 -2.97 -7.30 8.11
C LYS A 20 -2.03 -7.50 9.31
N GLN A 21 -2.57 -7.95 10.42
CA GLN A 21 -1.72 -8.19 11.63
C GLN A 21 -1.17 -9.63 11.61
N ASN A 22 -1.69 -10.48 10.77
CA ASN A 22 -1.20 -11.90 10.71
C ASN A 22 -1.29 -12.56 12.09
N VAL A 23 -2.35 -12.29 12.81
CA VAL A 23 -2.50 -12.90 14.17
C VAL A 23 -2.64 -14.42 14.05
N GLU A 24 -3.45 -14.88 13.13
CA GLU A 24 -3.62 -16.35 12.95
C GLU A 24 -2.90 -16.83 11.69
#